data_8EMF
#
_entry.id   8EMF
#
_cell.length_a   51.000
_cell.length_b   81.645
_cell.length_c   109.239
_cell.angle_alpha   90.000
_cell.angle_beta   90.000
_cell.angle_gamma   90.000
#
_symmetry.space_group_name_H-M   'P 21 21 21'
#
loop_
_entity.id
_entity.type
_entity.pdbx_description
1 polymer 'MHC class I antigen'
2 polymer Beta-2-microglobulin
3 polymer 'Nucleoprotein NP6 epitope'
4 water water
#
loop_
_entity_poly.entity_id
_entity_poly.type
_entity_poly.pdbx_seq_one_letter_code
_entity_poly.pdbx_strand_id
1 'polypeptide(L)'
;GSHSMRYFYTAMSRPGRGEPRFIAVGYVDDTQFVRFDSDAASPRTEPRAPWIEQEGPEYWDRNTQIFKTNTQTYRESLRN
LRGYYNQSEAGSHIIQRMYGCDLGPDGRLLRGHDQSAYDGKDYIALNEDLSSWTAADTAAQITQRKWEAARVAEQLRAYL
EGLCVEWLRRYLENGKETLQRADPPKTHVTHHPVSDHEATLRCWALGFYPAEITLTWQRDGEDQTQDTELVETRPAGDRT
FQKWAAVVVPSGEEQRYTCHVQHEGLPKPLTLRWEP
;
A
2 'polypeptide(L)'
;MIQRTPKIQVYSRHPAENGKSNFLNCYVSGFHPSDIEVDLLKNGERIEKVEHSDLSFSKDWSFYLLYYTEFTPTEKDEYA
CRVNHVTLSQPKIVKWDRDM
;
B
3 'polypeptide(L)' LPFDKSTVM C
#
# COMPACT_ATOMS: atom_id res chain seq x y z
N GLY A 1 -12.28 4.96 -15.00
CA GLY A 1 -12.53 3.80 -15.84
C GLY A 1 -11.29 2.94 -16.10
N SER A 2 -10.11 3.43 -15.73
CA SER A 2 -8.84 2.72 -15.89
C SER A 2 -8.67 1.74 -14.74
N HIS A 3 -8.18 0.52 -15.04
CA HIS A 3 -8.02 -0.52 -14.04
C HIS A 3 -6.68 -1.22 -14.15
N SER A 4 -6.19 -1.77 -13.04
CA SER A 4 -4.93 -2.48 -13.05
C SER A 4 -4.98 -3.67 -12.11
N MET A 5 -4.15 -4.67 -12.40
CA MET A 5 -3.96 -5.82 -11.54
C MET A 5 -2.48 -5.86 -11.21
N ARG A 6 -2.15 -6.14 -9.95
CA ARG A 6 -0.78 -6.25 -9.51
C ARG A 6 -0.63 -7.34 -8.49
N TYR A 7 0.51 -8.03 -8.55
CA TYR A 7 0.91 -8.97 -7.52
C TYR A 7 2.16 -8.38 -6.91
N PHE A 8 2.28 -8.46 -5.59
CA PHE A 8 3.39 -7.94 -4.81
C PHE A 8 3.98 -9.11 -4.04
N TYR A 9 5.25 -9.43 -4.30
CA TYR A 9 5.96 -10.52 -3.64
C TYR A 9 7.03 -9.93 -2.75
N THR A 10 7.16 -10.48 -1.53
CA THR A 10 8.22 -10.10 -0.61
C THR A 10 8.84 -11.40 -0.13
N ALA A 11 10.17 -11.57 -0.35
CA ALA A 11 10.96 -12.72 0.11
C ALA A 11 12.01 -12.16 1.04
N MET A 12 11.98 -12.59 2.30
CA MET A 12 12.88 -12.03 3.30
C MET A 12 13.68 -13.10 4.05
N SER A 13 15.01 -13.02 4.00
CA SER A 13 15.86 -13.97 4.74
C SER A 13 15.94 -13.54 6.22
N ARG A 14 16.26 -14.47 7.11
CA ARG A 14 16.32 -14.19 8.55
C ARG A 14 17.30 -15.23 9.14
N PRO A 15 18.62 -15.06 8.87
CA PRO A 15 19.60 -16.04 9.35
C PRO A 15 19.50 -16.30 10.84
N GLY A 16 19.46 -17.59 11.17
CA GLY A 16 19.32 -18.06 12.55
C GLY A 16 17.89 -18.12 13.02
N ARG A 17 16.94 -17.73 12.14
CA ARG A 17 15.51 -17.70 12.45
C ARG A 17 14.67 -18.46 11.41
N GLY A 18 15.25 -19.52 10.87
CA GLY A 18 14.60 -20.37 9.89
C GLY A 18 14.79 -19.95 8.46
N GLU A 19 14.02 -20.57 7.57
CA GLU A 19 14.09 -20.30 6.14
C GLU A 19 13.42 -18.97 5.76
N PRO A 20 13.80 -18.35 4.61
CA PRO A 20 13.19 -17.07 4.23
C PRO A 20 11.67 -17.16 4.07
N ARG A 21 10.99 -16.13 4.54
CA ARG A 21 9.54 -16.02 4.43
C ARG A 21 9.21 -15.48 3.04
N PHE A 22 8.20 -16.05 2.38
CA PHE A 22 7.68 -15.57 1.10
C PHE A 22 6.21 -15.21 1.31
N ILE A 23 5.83 -13.96 0.98
CA ILE A 23 4.43 -13.49 1.03
C ILE A 23 4.10 -12.95 -0.33
N ALA A 24 2.92 -13.30 -0.83
CA ALA A 24 2.42 -12.77 -2.09
C ALA A 24 1.04 -12.21 -1.81
N VAL A 25 0.76 -11.01 -2.33
CA VAL A 25 -0.57 -10.38 -2.22
C VAL A 25 -0.96 -9.95 -3.62
N GLY A 26 -2.24 -10.08 -3.94
CA GLY A 26 -2.78 -9.68 -5.24
C GLY A 26 -3.79 -8.58 -5.08
N TYR A 27 -3.72 -7.58 -5.97
CA TYR A 27 -4.64 -6.43 -5.97
C TYR A 27 -5.27 -6.20 -7.32
N VAL A 28 -6.49 -5.64 -7.30
CA VAL A 28 -7.19 -5.07 -8.45
C VAL A 28 -7.37 -3.62 -7.98
N ASP A 29 -6.63 -2.67 -8.60
CA ASP A 29 -6.63 -1.26 -8.21
C ASP A 29 -6.23 -1.21 -6.74
N ASP A 30 -7.04 -0.57 -5.86
CA ASP A 30 -6.74 -0.47 -4.43
C ASP A 30 -7.43 -1.56 -3.59
N THR A 31 -7.87 -2.65 -4.22
CA THR A 31 -8.55 -3.73 -3.50
C THR A 31 -7.72 -5.01 -3.50
N GLN A 32 -7.26 -5.42 -2.31
CA GLN A 32 -6.53 -6.68 -2.19
C GLN A 32 -7.55 -7.83 -2.33
N PHE A 33 -7.19 -8.90 -3.04
CA PHE A 33 -8.14 -9.99 -3.22
C PHE A 33 -7.60 -11.39 -2.88
N VAL A 34 -6.27 -11.56 -2.78
CA VAL A 34 -5.63 -12.84 -2.45
C VAL A 34 -4.40 -12.61 -1.60
N ARG A 35 -4.04 -13.62 -0.80
CA ARG A 35 -2.81 -13.64 -0.03
C ARG A 35 -2.26 -15.06 0.03
N PHE A 36 -0.93 -15.17 0.14
CA PHE A 36 -0.21 -16.43 0.35
C PHE A 36 0.91 -16.07 1.29
N ASP A 37 1.09 -16.83 2.38
CA ASP A 37 2.17 -16.59 3.32
C ASP A 37 2.81 -17.92 3.67
N SER A 38 4.10 -18.08 3.33
CA SER A 38 4.83 -19.32 3.62
C SER A 38 4.96 -19.58 5.13
N ASP A 39 4.71 -18.55 5.97
CA ASP A 39 4.77 -18.65 7.43
C ASP A 39 3.46 -19.09 8.09
N ALA A 40 2.36 -19.14 7.32
CA ALA A 40 1.05 -19.53 7.84
C ALA A 40 1.06 -20.98 8.33
N ALA A 41 0.23 -21.31 9.34
CA ALA A 41 0.10 -22.65 9.94
C ALA A 41 0.00 -23.72 8.84
N SER A 42 -0.86 -23.50 7.83
CA SER A 42 -1.02 -24.35 6.67
C SER A 42 -0.97 -23.41 5.45
N PRO A 43 0.21 -23.21 4.80
CA PRO A 43 0.28 -22.24 3.70
C PRO A 43 -0.53 -22.59 2.47
N ARG A 44 -1.50 -21.71 2.16
CA ARG A 44 -2.35 -21.85 0.99
C ARG A 44 -2.81 -20.47 0.56
N THR A 45 -3.19 -20.33 -0.72
CA THR A 45 -3.73 -19.09 -1.23
C THR A 45 -5.10 -18.88 -0.59
N GLU A 46 -5.31 -17.71 0.00
CA GLU A 46 -6.55 -17.39 0.69
C GLU A 46 -7.28 -16.19 0.06
N PRO A 47 -8.65 -16.24 -0.01
CA PRO A 47 -9.40 -15.09 -0.53
C PRO A 47 -9.37 -13.91 0.44
N ARG A 48 -9.31 -12.68 -0.10
CA ARG A 48 -9.27 -11.45 0.70
C ARG A 48 -10.31 -10.42 0.25
N ALA A 49 -11.15 -10.80 -0.71
CA ALA A 49 -12.24 -9.99 -1.25
C ALA A 49 -13.42 -10.92 -1.57
N PRO A 50 -14.67 -10.55 -1.25
CA PRO A 50 -15.81 -11.47 -1.46
C PRO A 50 -16.01 -11.98 -2.89
N TRP A 51 -15.75 -11.14 -3.92
CA TRP A 51 -15.95 -11.51 -5.33
C TRP A 51 -14.99 -12.59 -5.84
N ILE A 52 -13.89 -12.89 -5.10
CA ILE A 52 -12.95 -13.95 -5.50
C ILE A 52 -13.38 -15.32 -4.96
N GLU A 53 -14.22 -15.35 -3.91
CA GLU A 53 -14.67 -16.59 -3.28
C GLU A 53 -15.36 -17.58 -4.23
N GLN A 54 -16.08 -17.06 -5.25
CA GLN A 54 -16.78 -17.87 -6.27
C GLN A 54 -15.83 -18.73 -7.13
N GLU A 55 -14.51 -18.43 -7.09
CA GLU A 55 -13.53 -19.21 -7.85
C GLU A 55 -13.45 -20.63 -7.28
N GLY A 56 -13.40 -21.61 -8.18
CA GLY A 56 -13.40 -23.03 -7.82
C GLY A 56 -12.13 -23.57 -7.18
N PRO A 57 -12.17 -24.84 -6.71
CA PRO A 57 -10.97 -25.43 -6.10
C PRO A 57 -9.76 -25.51 -7.01
N GLU A 58 -9.95 -25.64 -8.30
CA GLU A 58 -8.84 -25.68 -9.18
C GLU A 58 -8.08 -24.32 -9.22
N TYR A 59 -8.80 -23.23 -9.13
CA TYR A 59 -8.21 -21.88 -9.06
C TYR A 59 -7.29 -21.77 -7.84
N TRP A 60 -7.81 -22.11 -6.63
CA TRP A 60 -7.08 -22.06 -5.37
C TRP A 60 -5.87 -22.98 -5.35
N ASP A 61 -5.99 -24.19 -5.94
CA ASP A 61 -4.90 -25.16 -6.05
C ASP A 61 -3.82 -24.69 -7.01
N ARG A 62 -4.24 -24.08 -8.15
CA ARG A 62 -3.30 -23.55 -9.15
C ARG A 62 -2.45 -22.42 -8.55
N ASN A 63 -3.09 -21.52 -7.80
CA ASN A 63 -2.46 -20.38 -7.11
C ASN A 63 -1.46 -20.87 -6.09
N THR A 64 -1.89 -21.83 -5.23
CA THR A 64 -1.08 -22.41 -4.17
C THR A 64 0.16 -23.10 -4.74
N GLN A 65 0.01 -23.85 -5.84
CA GLN A 65 1.14 -24.52 -6.47
C GLN A 65 2.16 -23.53 -7.01
N ILE A 66 1.70 -22.43 -7.64
CA ILE A 66 2.58 -21.36 -8.15
C ILE A 66 3.36 -20.69 -6.98
N PHE A 67 2.66 -20.33 -5.90
CA PHE A 67 3.27 -19.63 -4.77
C PHE A 67 4.18 -20.55 -3.94
N LYS A 68 3.86 -21.86 -3.87
CA LYS A 68 4.73 -22.83 -3.19
C LYS A 68 6.04 -22.96 -3.96
N THR A 69 5.96 -23.01 -5.32
CA THR A 69 7.13 -23.06 -6.19
C THR A 69 7.92 -21.76 -6.04
N ASN A 70 7.22 -20.59 -6.01
CA ASN A 70 7.86 -19.29 -5.82
C ASN A 70 8.63 -19.21 -4.50
N THR A 71 8.07 -19.77 -3.40
CA THR A 71 8.71 -19.80 -2.08
C THR A 71 10.10 -20.43 -2.20
N GLN A 72 10.19 -21.57 -2.89
CA GLN A 72 11.45 -22.29 -3.07
C GLN A 72 12.41 -21.56 -4.02
N THR A 73 11.90 -21.02 -5.13
CA THR A 73 12.69 -20.26 -6.11
C THR A 73 13.30 -19.01 -5.45
N TYR A 74 12.49 -18.28 -4.67
CA TYR A 74 12.96 -17.06 -4.01
C TYR A 74 13.99 -17.34 -2.91
N ARG A 75 13.96 -18.54 -2.32
CA ARG A 75 14.95 -18.91 -1.32
C ARG A 75 16.32 -19.08 -2.03
N GLU A 76 16.33 -19.70 -3.23
CA GLU A 76 17.54 -19.85 -4.04
C GLU A 76 18.02 -18.47 -4.52
N SER A 77 17.08 -17.61 -4.96
CA SER A 77 17.42 -16.28 -5.44
C SER A 77 18.09 -15.45 -4.34
N LEU A 78 17.60 -15.52 -3.08
CA LEU A 78 18.19 -14.81 -1.95
C LEU A 78 19.64 -15.28 -1.73
N ARG A 79 19.87 -16.60 -1.81
CA ARG A 79 21.21 -17.20 -1.69
C ARG A 79 22.11 -16.66 -2.80
N ASN A 80 21.59 -16.63 -4.05
CA ASN A 80 22.35 -16.13 -5.20
C ASN A 80 22.72 -14.67 -5.09
N LEU A 81 21.75 -13.80 -4.73
CA LEU A 81 21.98 -12.38 -4.58
C LEU A 81 22.92 -12.07 -3.42
N ARG A 82 22.88 -12.89 -2.34
CA ARG A 82 23.84 -12.75 -1.25
C ARG A 82 25.26 -12.90 -1.84
N GLY A 83 25.42 -13.92 -2.69
CA GLY A 83 26.69 -14.22 -3.38
C GLY A 83 27.11 -13.12 -4.33
N TYR A 84 26.16 -12.62 -5.17
CA TYR A 84 26.47 -11.56 -6.14
C TYR A 84 27.02 -10.29 -5.51
N TYR A 85 26.58 -9.99 -4.27
CA TYR A 85 27.03 -8.79 -3.56
C TYR A 85 28.11 -9.05 -2.51
N ASN A 86 28.67 -10.27 -2.48
CA ASN A 86 29.71 -10.69 -1.51
C ASN A 86 29.31 -10.39 -0.07
N GLN A 87 28.03 -10.64 0.23
CA GLN A 87 27.48 -10.37 1.54
C GLN A 87 27.70 -11.54 2.48
N SER A 88 27.81 -11.25 3.77
CA SER A 88 27.99 -12.29 4.79
C SER A 88 26.68 -13.07 4.97
N GLU A 89 26.79 -14.28 5.53
CA GLU A 89 25.63 -15.14 5.78
C GLU A 89 24.84 -14.63 7.01
N ALA A 90 25.31 -13.57 7.67
CA ALA A 90 24.75 -12.97 8.89
C ALA A 90 23.53 -12.06 8.73
N GLY A 91 23.52 -11.24 7.69
CA GLY A 91 22.46 -10.25 7.49
C GLY A 91 21.17 -10.75 6.88
N SER A 92 20.09 -10.04 7.20
CA SER A 92 18.76 -10.30 6.66
C SER A 92 18.63 -9.46 5.39
N HIS A 93 18.11 -10.06 4.31
CA HIS A 93 17.95 -9.35 3.04
C HIS A 93 16.58 -9.56 2.48
N ILE A 94 16.13 -8.64 1.62
CA ILE A 94 14.79 -8.71 1.06
C ILE A 94 14.81 -8.59 -0.46
N ILE A 95 14.07 -9.50 -1.14
CA ILE A 95 13.80 -9.39 -2.57
C ILE A 95 12.32 -9.02 -2.63
N GLN A 96 11.98 -8.01 -3.45
CA GLN A 96 10.59 -7.62 -3.69
C GLN A 96 10.34 -7.62 -5.16
N ARG A 97 9.12 -7.98 -5.53
CA ARG A 97 8.75 -7.99 -6.93
C ARG A 97 7.33 -7.49 -7.03
N MET A 98 7.08 -6.65 -8.04
N MET A 98 7.08 -6.66 -8.04
CA MET A 98 5.74 -6.16 -8.34
CA MET A 98 5.75 -6.15 -8.35
C MET A 98 5.53 -6.21 -9.85
C MET A 98 5.53 -6.21 -9.85
N TYR A 99 4.46 -6.87 -10.28
CA TYR A 99 4.15 -7.04 -11.69
C TYR A 99 2.68 -7.01 -11.93
N GLY A 100 2.30 -6.75 -13.17
CA GLY A 100 0.90 -6.74 -13.53
C GLY A 100 0.61 -5.95 -14.78
N CYS A 101 -0.67 -5.78 -15.04
CA CYS A 101 -1.14 -5.14 -16.24
C CYS A 101 -2.04 -3.94 -15.95
N ASP A 102 -2.00 -2.93 -16.84
CA ASP A 102 -2.85 -1.74 -16.76
C ASP A 102 -3.77 -1.75 -17.96
N LEU A 103 -5.06 -1.51 -17.73
CA LEU A 103 -6.09 -1.40 -18.76
C LEU A 103 -6.55 0.05 -18.89
N GLY A 104 -6.86 0.47 -20.11
CA GLY A 104 -7.43 1.79 -20.36
C GLY A 104 -8.93 1.76 -20.12
N PRO A 105 -9.66 2.91 -20.25
CA PRO A 105 -11.12 2.89 -20.01
C PRO A 105 -11.96 2.10 -21.04
N ASP A 106 -11.28 1.57 -22.06
CA ASP A 106 -11.81 0.75 -23.15
C ASP A 106 -11.59 -0.74 -22.84
N GLY A 107 -10.82 -1.02 -21.78
CA GLY A 107 -10.47 -2.37 -21.37
C GLY A 107 -9.24 -2.90 -22.06
N ARG A 108 -8.64 -2.10 -22.97
CA ARG A 108 -7.44 -2.48 -23.72
C ARG A 108 -6.18 -2.39 -22.86
N LEU A 109 -5.19 -3.28 -23.09
CA LEU A 109 -3.92 -3.24 -22.37
C LEU A 109 -3.18 -1.95 -22.71
N LEU A 110 -2.91 -1.14 -21.68
CA LEU A 110 -2.18 0.12 -21.77
C LEU A 110 -0.70 -0.22 -21.71
N ARG A 111 -0.29 -1.01 -20.69
CA ARG A 111 1.10 -1.44 -20.51
C ARG A 111 1.21 -2.50 -19.44
N GLY A 112 2.31 -3.24 -19.51
CA GLY A 112 2.65 -4.28 -18.56
C GLY A 112 3.81 -3.85 -17.67
N HIS A 113 3.93 -4.48 -16.49
CA HIS A 113 5.01 -4.16 -15.56
C HIS A 113 5.56 -5.42 -14.96
N ASP A 114 6.86 -5.42 -14.65
CA ASP A 114 7.55 -6.47 -13.90
C ASP A 114 8.86 -5.93 -13.38
N GLN A 115 8.87 -5.53 -12.10
CA GLN A 115 10.03 -4.92 -11.47
C GLN A 115 10.44 -5.68 -10.25
N SER A 116 11.75 -5.80 -10.03
CA SER A 116 12.33 -6.45 -8.87
C SER A 116 13.31 -5.54 -8.17
N ALA A 117 13.36 -5.65 -6.83
CA ALA A 117 14.25 -4.88 -5.98
C ALA A 117 14.98 -5.79 -4.99
N TYR A 118 16.16 -5.34 -4.57
CA TYR A 118 16.97 -6.03 -3.55
C TYR A 118 17.29 -5.01 -2.47
N ASP A 119 16.87 -5.32 -1.23
CA ASP A 119 17.01 -4.43 -0.09
C ASP A 119 16.45 -3.00 -0.36
N GLY A 120 15.32 -2.95 -1.06
CA GLY A 120 14.61 -1.71 -1.37
C GLY A 120 15.18 -0.86 -2.50
N LYS A 121 16.20 -1.38 -3.19
CA LYS A 121 16.85 -0.71 -4.33
C LYS A 121 16.46 -1.41 -5.61
N ASP A 122 16.13 -0.66 -6.68
CA ASP A 122 15.80 -1.24 -8.01
C ASP A 122 16.92 -2.23 -8.37
N TYR A 123 16.56 -3.41 -8.85
CA TYR A 123 17.53 -4.45 -9.19
C TYR A 123 17.42 -4.79 -10.66
N ILE A 124 16.27 -5.31 -11.09
CA ILE A 124 16.02 -5.66 -12.48
C ILE A 124 14.58 -5.35 -12.83
N ALA A 125 14.34 -4.79 -14.02
CA ALA A 125 12.98 -4.47 -14.44
C ALA A 125 12.77 -4.76 -15.90
N LEU A 126 11.58 -5.27 -16.23
CA LEU A 126 11.16 -5.51 -17.60
C LEU A 126 10.85 -4.14 -18.21
N ASN A 127 11.44 -3.83 -19.36
CA ASN A 127 11.19 -2.56 -20.05
C ASN A 127 9.76 -2.51 -20.59
N GLU A 128 9.27 -1.31 -20.92
CA GLU A 128 7.93 -1.13 -21.46
C GLU A 128 7.65 -1.96 -22.72
N ASP A 129 8.70 -2.25 -23.53
CA ASP A 129 8.61 -3.10 -24.73
C ASP A 129 8.26 -4.57 -24.42
N LEU A 130 8.33 -5.00 -23.12
CA LEU A 130 8.05 -6.37 -22.66
C LEU A 130 8.96 -7.39 -23.36
N SER A 131 10.15 -6.93 -23.80
CA SER A 131 11.09 -7.74 -24.55
C SER A 131 12.52 -7.67 -24.03
N SER A 132 12.88 -6.57 -23.37
CA SER A 132 14.22 -6.34 -22.86
C SER A 132 14.22 -5.97 -21.37
N TRP A 133 15.38 -6.07 -20.72
CA TRP A 133 15.55 -5.82 -19.29
C TRP A 133 16.43 -4.61 -18.99
N THR A 134 16.21 -3.97 -17.84
CA THR A 134 17.06 -2.89 -17.31
C THR A 134 17.65 -3.44 -16.00
N ALA A 135 18.94 -3.80 -16.03
CA ALA A 135 19.68 -4.32 -14.88
C ALA A 135 20.37 -3.15 -14.19
N ALA A 136 20.15 -2.98 -12.88
CA ALA A 136 20.71 -1.85 -12.14
C ALA A 136 22.24 -1.85 -12.01
N ASP A 137 22.87 -3.05 -11.95
CA ASP A 137 24.31 -3.19 -11.74
C ASP A 137 24.83 -4.51 -12.29
N THR A 138 26.13 -4.82 -12.03
CA THR A 138 26.78 -6.06 -12.49
C THR A 138 26.17 -7.31 -11.88
N ALA A 139 25.62 -7.22 -10.65
CA ALA A 139 24.93 -8.34 -10.00
C ALA A 139 23.64 -8.65 -10.77
N ALA A 140 22.84 -7.61 -11.07
CA ALA A 140 21.60 -7.77 -11.83
C ALA A 140 21.84 -8.27 -13.27
N GLN A 141 23.04 -8.00 -13.83
CA GLN A 141 23.43 -8.46 -15.16
C GLN A 141 23.50 -9.98 -15.21
N ILE A 142 23.85 -10.63 -14.07
CA ILE A 142 23.89 -12.09 -13.95
C ILE A 142 22.46 -12.64 -14.05
N THR A 143 21.51 -12.02 -13.30
CA THR A 143 20.10 -12.39 -13.35
C THR A 143 19.57 -12.22 -14.78
N GLN A 144 19.94 -11.11 -15.44
CA GLN A 144 19.52 -10.82 -16.81
C GLN A 144 19.91 -11.94 -17.77
N ARG A 145 21.17 -12.42 -17.71
CA ARG A 145 21.66 -13.51 -18.56
C ARG A 145 20.88 -14.79 -18.29
N LYS A 146 20.60 -15.09 -17.02
CA LYS A 146 19.82 -16.26 -16.64
C LYS A 146 18.41 -16.17 -17.21
N TRP A 147 17.78 -15.00 -17.08
CA TRP A 147 16.41 -14.75 -17.53
C TRP A 147 16.25 -14.77 -19.05
N GLU A 148 17.31 -14.40 -19.78
CA GLU A 148 17.34 -14.45 -21.24
C GLU A 148 17.41 -15.90 -21.73
N ALA A 149 18.25 -16.72 -21.05
CA ALA A 149 18.42 -18.14 -21.34
C ALA A 149 17.12 -18.92 -21.11
N ALA A 150 16.35 -18.52 -20.09
CA ALA A 150 15.07 -19.16 -19.77
C ALA A 150 13.91 -18.57 -20.58
N ARG A 151 14.20 -17.53 -21.34
CA ARG A 151 13.24 -16.82 -22.15
C ARG A 151 12.10 -16.20 -21.31
N VAL A 152 12.45 -15.61 -20.18
CA VAL A 152 11.50 -15.03 -19.23
C VAL A 152 10.70 -13.88 -19.84
N ALA A 153 11.37 -12.91 -20.51
CA ALA A 153 10.68 -11.75 -21.11
C ALA A 153 9.56 -12.13 -22.07
N GLU A 154 9.78 -13.18 -22.90
CA GLU A 154 8.79 -13.69 -23.86
C GLU A 154 7.62 -14.35 -23.13
N GLN A 155 7.92 -15.07 -22.04
CA GLN A 155 6.91 -15.72 -21.21
C GLN A 155 6.08 -14.64 -20.49
N LEU A 156 6.74 -13.60 -19.96
CA LEU A 156 6.07 -12.49 -19.28
C LEU A 156 5.19 -11.70 -20.22
N ARG A 157 5.68 -11.41 -21.44
CA ARG A 157 4.90 -10.68 -22.44
C ARG A 157 3.60 -11.44 -22.77
N ALA A 158 3.69 -12.79 -22.98
CA ALA A 158 2.51 -13.61 -23.26
C ALA A 158 1.52 -13.51 -22.09
N TYR A 159 2.03 -13.57 -20.83
CA TYR A 159 1.20 -13.47 -19.64
C TYR A 159 0.55 -12.09 -19.52
N LEU A 160 1.35 -11.03 -19.62
CA LEU A 160 0.88 -9.65 -19.47
C LEU A 160 -0.14 -9.27 -20.52
N GLU A 161 0.04 -9.71 -21.78
CA GLU A 161 -0.90 -9.39 -22.86
C GLU A 161 -2.07 -10.38 -22.92
N GLY A 162 -1.92 -11.53 -22.28
CA GLY A 162 -2.92 -12.59 -22.31
C GLY A 162 -3.68 -12.82 -21.03
N LEU A 163 -3.23 -13.81 -20.24
CA LEU A 163 -3.88 -14.20 -18.97
C LEU A 163 -4.08 -13.05 -17.98
N CYS A 164 -3.12 -12.13 -17.88
CA CYS A 164 -3.21 -10.99 -16.95
C CYS A 164 -4.44 -10.13 -17.22
N VAL A 165 -4.59 -9.72 -18.49
CA VAL A 165 -5.71 -8.89 -18.96
C VAL A 165 -7.04 -9.69 -18.88
N GLU A 166 -7.01 -10.97 -19.30
CA GLU A 166 -8.18 -11.85 -19.29
C GLU A 166 -8.74 -12.02 -17.87
N TRP A 167 -7.86 -12.32 -16.90
CA TRP A 167 -8.25 -12.50 -15.51
C TRP A 167 -8.66 -11.20 -14.86
N LEU A 168 -7.97 -10.09 -15.16
CA LEU A 168 -8.33 -8.78 -14.64
C LEU A 168 -9.75 -8.41 -15.10
N ARG A 169 -10.06 -8.62 -16.39
CA ARG A 169 -11.40 -8.35 -16.92
C ARG A 169 -12.46 -9.23 -16.24
N ARG A 170 -12.14 -10.51 -15.95
CA ARG A 170 -13.03 -11.44 -15.26
C ARG A 170 -13.31 -10.93 -13.83
N TYR A 171 -12.26 -10.47 -13.11
CA TYR A 171 -12.40 -9.95 -11.75
C TYR A 171 -13.22 -8.68 -11.75
N LEU A 172 -12.96 -7.79 -12.72
CA LEU A 172 -13.71 -6.53 -12.86
C LEU A 172 -15.20 -6.81 -13.06
N GLU A 173 -15.55 -7.87 -13.82
CA GLU A 173 -16.94 -8.26 -14.02
C GLU A 173 -17.55 -8.87 -12.76
N ASN A 174 -16.87 -9.87 -12.16
CA ASN A 174 -17.34 -10.53 -10.95
C ASN A 174 -17.48 -9.59 -9.75
N GLY A 175 -16.63 -8.58 -9.67
CA GLY A 175 -16.68 -7.61 -8.59
C GLY A 175 -17.11 -6.22 -9.02
N LYS A 176 -17.89 -6.12 -10.12
CA LYS A 176 -18.30 -4.84 -10.71
C LYS A 176 -19.00 -3.90 -9.74
N GLU A 177 -19.79 -4.43 -8.78
CA GLU A 177 -20.51 -3.61 -7.79
C GLU A 177 -19.61 -2.80 -6.88
N THR A 178 -18.37 -3.25 -6.66
CA THR A 178 -17.39 -2.53 -5.83
C THR A 178 -16.23 -2.00 -6.69
N LEU A 179 -15.58 -2.89 -7.46
CA LEU A 179 -14.41 -2.54 -8.28
C LEU A 179 -14.66 -1.46 -9.31
N GLN A 180 -15.86 -1.43 -9.89
CA GLN A 180 -16.22 -0.45 -10.91
C GLN A 180 -17.13 0.66 -10.36
N ARG A 181 -17.15 0.80 -9.03
CA ARG A 181 -17.92 1.83 -8.35
C ARG A 181 -16.94 2.79 -7.69
N ALA A 182 -16.99 4.06 -8.08
CA ALA A 182 -16.13 5.07 -7.50
C ALA A 182 -16.93 5.81 -6.42
N ASP A 183 -16.45 5.75 -5.17
CA ASP A 183 -17.10 6.40 -4.03
C ASP A 183 -16.51 7.79 -3.86
N PRO A 184 -17.34 8.85 -4.01
CA PRO A 184 -16.80 10.21 -3.90
C PRO A 184 -16.38 10.58 -2.47
N PRO A 185 -15.42 11.51 -2.29
CA PRO A 185 -15.07 11.91 -0.93
C PRO A 185 -16.18 12.74 -0.30
N LYS A 186 -16.37 12.56 1.00
CA LYS A 186 -17.27 13.36 1.83
C LYS A 186 -16.33 14.44 2.32
N THR A 187 -16.63 15.70 2.02
CA THR A 187 -15.70 16.78 2.35
C THR A 187 -16.23 17.80 3.35
N HIS A 188 -15.29 18.41 4.09
CA HIS A 188 -15.54 19.51 5.04
C HIS A 188 -14.25 20.24 5.39
N VAL A 189 -14.40 21.48 5.90
CA VAL A 189 -13.29 22.34 6.30
C VAL A 189 -13.43 22.63 7.78
N THR A 190 -12.38 22.34 8.55
CA THR A 190 -12.32 22.62 9.99
C THR A 190 -11.38 23.80 10.21
N HIS A 191 -11.60 24.54 11.29
CA HIS A 191 -10.84 25.74 11.64
C HIS A 191 -10.25 25.53 13.02
N HIS A 192 -8.92 25.70 13.16
CA HIS A 192 -8.24 25.48 14.44
C HIS A 192 -7.34 26.67 14.80
N PRO A 193 -7.75 27.59 15.71
CA PRO A 193 -6.85 28.71 16.07
C PRO A 193 -5.53 28.20 16.62
N VAL A 194 -4.41 28.73 16.10
CA VAL A 194 -3.07 28.32 16.55
C VAL A 194 -2.45 29.38 17.45
N SER A 195 -2.93 30.64 17.28
CA SER A 195 -2.51 31.83 18.02
C SER A 195 -3.58 32.90 17.85
N ASP A 196 -3.31 34.13 18.32
CA ASP A 196 -4.23 35.27 18.18
C ASP A 196 -4.34 35.72 16.74
N HIS A 197 -3.21 35.67 15.99
CA HIS A 197 -3.14 36.15 14.61
C HIS A 197 -3.15 35.05 13.53
N GLU A 198 -3.11 33.76 13.90
CA GLU A 198 -3.14 32.67 12.91
C GLU A 198 -4.06 31.51 13.31
N ALA A 199 -4.58 30.81 12.29
CA ALA A 199 -5.48 29.66 12.45
C ALA A 199 -5.20 28.64 11.36
N THR A 200 -5.42 27.35 11.66
CA THR A 200 -5.24 26.27 10.69
C THR A 200 -6.58 25.99 10.02
N LEU A 201 -6.58 25.94 8.68
CA LEU A 201 -7.74 25.54 7.90
C LEU A 201 -7.40 24.13 7.43
N ARG A 202 -8.23 23.14 7.79
CA ARG A 202 -7.97 21.76 7.37
C ARG A 202 -9.09 21.27 6.51
N CYS A 203 -8.75 20.87 5.29
CA CYS A 203 -9.69 20.36 4.32
C CYS A 203 -9.67 18.84 4.35
N TRP A 204 -10.79 18.24 4.68
CA TRP A 204 -10.93 16.79 4.80
C TRP A 204 -11.61 16.14 3.61
N ALA A 205 -11.18 14.91 3.28
CA ALA A 205 -11.78 14.06 2.26
C ALA A 205 -11.85 12.66 2.89
N LEU A 206 -13.07 12.15 3.10
CA LEU A 206 -13.30 10.85 3.77
C LEU A 206 -14.21 9.95 2.94
N GLY A 207 -14.06 8.65 3.14
CA GLY A 207 -14.88 7.61 2.53
C GLY A 207 -14.79 7.47 1.02
N PHE A 208 -13.64 7.83 0.43
CA PHE A 208 -13.49 7.73 -1.03
C PHE A 208 -12.80 6.45 -1.51
N TYR A 209 -13.14 6.05 -2.74
CA TYR A 209 -12.57 4.90 -3.44
C TYR A 209 -12.63 5.22 -4.92
N PRO A 210 -11.53 5.04 -5.71
CA PRO A 210 -10.20 4.58 -5.31
C PRO A 210 -9.39 5.61 -4.52
N ALA A 211 -8.16 5.24 -4.12
CA ALA A 211 -7.28 6.10 -3.32
C ALA A 211 -6.82 7.38 -4.02
N GLU A 212 -6.71 7.36 -5.36
CA GLU A 212 -6.26 8.53 -6.13
C GLU A 212 -7.19 9.71 -5.92
N ILE A 213 -6.64 10.84 -5.47
CA ILE A 213 -7.36 12.09 -5.19
C ILE A 213 -6.39 13.26 -5.26
N THR A 214 -6.91 14.47 -5.51
CA THR A 214 -6.11 15.70 -5.46
C THR A 214 -6.81 16.65 -4.50
N LEU A 215 -6.10 17.07 -3.45
CA LEU A 215 -6.56 18.03 -2.45
C LEU A 215 -5.56 19.16 -2.44
N THR A 216 -6.00 20.37 -2.77
CA THR A 216 -5.11 21.54 -2.80
C THR A 216 -5.77 22.74 -2.13
N TRP A 217 -4.96 23.67 -1.63
CA TRP A 217 -5.44 24.94 -1.07
C TRP A 217 -4.95 26.03 -1.97
N GLN A 218 -5.81 27.01 -2.23
CA GLN A 218 -5.49 28.18 -3.02
C GLN A 218 -5.77 29.41 -2.18
N ARG A 219 -4.90 30.42 -2.28
CA ARG A 219 -5.05 31.73 -1.63
C ARG A 219 -5.18 32.71 -2.82
N ASP A 220 -6.33 33.40 -2.92
CA ASP A 220 -6.67 34.33 -4.02
C ASP A 220 -6.57 33.66 -5.41
N GLY A 221 -6.80 32.35 -5.47
CA GLY A 221 -6.74 31.59 -6.71
C GLY A 221 -5.37 31.04 -7.11
N GLU A 222 -4.34 31.24 -6.26
CA GLU A 222 -3.01 30.70 -6.55
C GLU A 222 -2.64 29.55 -5.59
N ASP A 223 -2.13 28.43 -6.15
CA ASP A 223 -1.74 27.23 -5.40
C ASP A 223 -0.76 27.52 -4.26
N GLN A 224 -1.04 26.93 -3.09
CA GLN A 224 -0.25 27.09 -1.86
C GLN A 224 0.58 25.83 -1.56
N THR A 225 1.17 25.22 -2.60
CA THR A 225 1.95 23.97 -2.56
C THR A 225 2.98 23.95 -1.42
N GLN A 226 3.83 24.98 -1.29
CA GLN A 226 4.86 25.04 -0.24
C GLN A 226 4.29 25.24 1.18
N ASP A 227 3.12 25.86 1.30
CA ASP A 227 2.48 26.16 2.58
C ASP A 227 1.49 25.09 3.04
N THR A 228 1.12 24.17 2.15
CA THR A 228 0.15 23.11 2.45
C THR A 228 0.81 21.89 3.10
N GLU A 229 0.27 21.49 4.27
CA GLU A 229 0.66 20.28 4.99
C GLU A 229 -0.33 19.22 4.46
N LEU A 230 0.20 18.24 3.75
CA LEU A 230 -0.58 17.22 3.07
C LEU A 230 -0.23 15.86 3.67
N VAL A 231 -1.20 15.20 4.32
CA VAL A 231 -0.93 13.87 4.88
C VAL A 231 -1.03 12.82 3.79
N GLU A 232 -0.32 11.70 3.98
CA GLU A 232 -0.43 10.60 3.04
C GLU A 232 -1.85 10.04 3.08
N THR A 233 -2.39 9.70 1.90
CA THR A 233 -3.71 9.06 1.79
C THR A 233 -3.66 7.79 2.64
N ARG A 234 -4.67 7.59 3.48
CA ARG A 234 -4.70 6.49 4.44
C ARG A 234 -5.95 5.62 4.35
N PRO A 235 -5.82 4.30 4.60
CA PRO A 235 -7.00 3.43 4.51
C PRO A 235 -7.90 3.55 5.74
N ALA A 236 -9.21 3.60 5.52
CA ALA A 236 -10.16 3.66 6.64
C ALA A 236 -10.34 2.27 7.28
N GLY A 237 -10.05 1.21 6.50
CA GLY A 237 -10.16 -0.18 6.93
C GLY A 237 -11.39 -0.89 6.41
N ASP A 238 -12.28 -0.14 5.73
CA ASP A 238 -13.56 -0.60 5.15
C ASP A 238 -13.59 -0.50 3.61
N ARG A 239 -12.41 -0.48 2.95
CA ARG A 239 -12.16 -0.33 1.50
C ARG A 239 -11.89 1.13 1.13
N THR A 240 -12.43 2.08 1.90
CA THR A 240 -12.30 3.51 1.59
C THR A 240 -11.01 4.13 2.11
N PHE A 241 -10.75 5.36 1.65
CA PHE A 241 -9.56 6.11 2.00
C PHE A 241 -9.90 7.46 2.57
N GLN A 242 -8.91 8.08 3.21
CA GLN A 242 -8.99 9.38 3.86
C GLN A 242 -7.76 10.19 3.53
N LYS A 243 -7.92 11.51 3.50
CA LYS A 243 -6.81 12.45 3.29
C LYS A 243 -7.24 13.81 3.79
N TRP A 244 -6.26 14.62 4.21
CA TRP A 244 -6.48 16.01 4.57
C TRP A 244 -5.33 16.90 4.13
N ALA A 245 -5.63 18.18 3.88
CA ALA A 245 -4.66 19.21 3.50
C ALA A 245 -4.89 20.38 4.43
N ALA A 246 -3.82 20.90 5.04
CA ALA A 246 -3.92 22.03 5.98
C ALA A 246 -3.05 23.21 5.61
N VAL A 247 -3.56 24.42 5.87
CA VAL A 247 -2.85 25.68 5.66
C VAL A 247 -2.99 26.55 6.91
N VAL A 248 -1.90 27.21 7.32
CA VAL A 248 -1.95 28.13 8.45
C VAL A 248 -2.19 29.51 7.84
N VAL A 249 -3.35 30.06 8.14
CA VAL A 249 -3.82 31.30 7.57
C VAL A 249 -3.83 32.46 8.58
N PRO A 250 -3.57 33.72 8.15
CA PRO A 250 -3.68 34.84 9.08
C PRO A 250 -5.16 35.08 9.41
N SER A 251 -5.37 35.15 10.72
CA SER A 251 -6.67 35.27 11.34
C SER A 251 -7.42 36.40 10.75
N GLY A 252 -8.62 36.14 10.29
CA GLY A 252 -9.38 37.14 9.61
C GLY A 252 -9.32 36.94 8.11
N GLU A 253 -8.29 36.30 7.59
CA GLU A 253 -8.09 36.10 6.14
C GLU A 253 -8.59 34.80 5.50
N GLU A 254 -9.37 34.09 6.22
CA GLU A 254 -9.90 32.76 5.90
C GLU A 254 -10.68 32.66 4.60
N GLN A 255 -11.45 33.70 4.24
CA GLN A 255 -12.27 33.68 3.03
C GLN A 255 -11.46 33.85 1.74
N ARG A 256 -10.17 34.19 1.85
CA ARG A 256 -9.26 34.30 0.71
C ARG A 256 -8.77 32.89 0.32
N TYR A 257 -9.10 31.86 1.13
CA TYR A 257 -8.66 30.48 0.94
C TYR A 257 -9.74 29.54 0.45
N THR A 258 -9.41 28.72 -0.56
CA THR A 258 -10.34 27.72 -1.10
C THR A 258 -9.64 26.38 -1.23
N CYS A 259 -10.34 25.32 -0.85
CA CYS A 259 -9.86 23.96 -0.97
C CYS A 259 -10.48 23.34 -2.22
N HIS A 260 -9.64 22.74 -3.05
CA HIS A 260 -10.06 22.12 -4.30
C HIS A 260 -9.90 20.62 -4.22
N VAL A 261 -10.97 19.90 -4.57
CA VAL A 261 -11.02 18.44 -4.50
C VAL A 261 -11.34 17.85 -5.88
N GLN A 262 -10.47 16.93 -6.33
CA GLN A 262 -10.66 16.22 -7.59
C GLN A 262 -10.60 14.71 -7.31
N HIS A 263 -11.67 14.00 -7.68
CA HIS A 263 -11.82 12.55 -7.50
C HIS A 263 -12.78 12.01 -8.55
N GLU A 264 -12.53 10.76 -8.99
CA GLU A 264 -13.32 10.03 -10.00
C GLU A 264 -14.80 9.85 -9.65
N GLY A 265 -15.11 9.70 -8.36
CA GLY A 265 -16.47 9.50 -7.88
C GLY A 265 -17.35 10.73 -7.85
N LEU A 266 -16.76 11.90 -8.09
CA LEU A 266 -17.47 13.18 -8.04
C LEU A 266 -18.16 13.55 -9.36
N PRO A 267 -19.44 13.96 -9.35
CA PRO A 267 -20.08 14.40 -10.61
C PRO A 267 -19.31 15.57 -11.24
N LYS A 268 -18.86 16.54 -10.40
CA LYS A 268 -18.05 17.72 -10.76
C LYS A 268 -17.00 18.00 -9.66
N PRO A 269 -15.79 18.55 -9.99
CA PRO A 269 -14.82 18.89 -8.92
C PRO A 269 -15.39 19.84 -7.85
N LEU A 270 -14.87 19.78 -6.62
CA LEU A 270 -15.37 20.60 -5.52
C LEU A 270 -14.48 21.78 -5.16
N THR A 271 -15.11 22.89 -4.78
CA THR A 271 -14.47 24.10 -4.28
C THR A 271 -15.14 24.32 -2.93
N LEU A 272 -14.35 24.28 -1.85
CA LEU A 272 -14.88 24.46 -0.50
C LEU A 272 -14.15 25.57 0.22
N ARG A 273 -14.85 26.20 1.15
CA ARG A 273 -14.33 27.26 2.00
C ARG A 273 -14.74 26.93 3.43
N TRP A 274 -14.09 27.58 4.39
CA TRP A 274 -14.47 27.43 5.79
C TRP A 274 -15.81 28.13 5.94
N GLU A 275 -16.77 27.43 6.55
CA GLU A 275 -18.11 27.95 6.76
C GLU A 275 -18.30 28.21 8.26
N PRO A 276 -18.08 29.47 8.72
CA PRO A 276 -18.25 29.75 10.15
C PRO A 276 -19.74 29.75 10.52
N MET B 1 23.47 -0.43 4.99
CA MET B 1 22.20 -0.65 4.30
C MET B 1 21.34 0.60 4.33
N ILE B 2 20.57 0.83 3.26
CA ILE B 2 19.67 1.98 3.18
C ILE B 2 18.34 1.62 3.83
N GLN B 3 18.09 2.21 5.01
CA GLN B 3 16.88 1.93 5.79
C GLN B 3 15.97 3.16 5.85
N ARG B 4 14.65 2.92 5.87
CA ARG B 4 13.64 3.98 5.89
C ARG B 4 12.75 3.89 7.12
N THR B 5 12.63 5.02 7.84
CA THR B 5 11.85 5.12 9.07
C THR B 5 10.34 5.13 8.78
N PRO B 6 9.49 4.49 9.61
CA PRO B 6 8.05 4.54 9.33
C PRO B 6 7.42 5.90 9.58
N LYS B 7 6.45 6.22 8.73
CA LYS B 7 5.56 7.35 8.88
C LYS B 7 4.44 6.70 9.69
N ILE B 8 3.83 7.44 10.63
CA ILE B 8 2.78 6.89 11.49
C ILE B 8 1.60 7.85 11.52
N GLN B 9 0.38 7.31 11.29
CA GLN B 9 -0.87 8.06 11.42
C GLN B 9 -1.83 7.29 12.29
N VAL B 10 -2.38 7.96 13.32
CA VAL B 10 -3.34 7.39 14.26
C VAL B 10 -4.66 8.11 14.04
N TYR B 11 -5.73 7.37 13.74
CA TYR B 11 -7.03 7.98 13.39
C TYR B 11 -8.15 6.98 13.49
N SER B 12 -9.40 7.47 13.40
CA SER B 12 -10.56 6.59 13.47
C SER B 12 -11.13 6.32 12.07
N ARG B 13 -11.79 5.16 11.89
CA ARG B 13 -12.40 4.81 10.60
C ARG B 13 -13.50 5.82 10.26
N HIS B 14 -14.39 6.08 11.23
CA HIS B 14 -15.53 6.98 11.11
C HIS B 14 -15.30 8.24 11.95
N PRO B 15 -15.96 9.39 11.66
CA PRO B 15 -15.77 10.58 12.51
C PRO B 15 -16.08 10.22 13.97
N ALA B 16 -15.18 10.64 14.88
CA ALA B 16 -15.28 10.33 16.30
C ALA B 16 -16.45 11.03 16.98
N GLU B 17 -17.26 10.23 17.68
CA GLU B 17 -18.42 10.66 18.45
C GLU B 17 -18.35 9.87 19.77
N ASN B 18 -18.17 10.59 20.89
CA ASN B 18 -18.06 10.01 22.24
C ASN B 18 -19.24 9.10 22.55
N GLY B 19 -18.93 7.89 23.00
CA GLY B 19 -19.93 6.88 23.34
C GLY B 19 -20.40 6.03 22.18
N LYS B 20 -19.91 6.31 20.94
CA LYS B 20 -20.28 5.54 19.75
C LYS B 20 -19.13 4.65 19.29
N SER B 21 -19.42 3.35 19.10
CA SER B 21 -18.46 2.34 18.66
C SER B 21 -17.86 2.74 17.31
N ASN B 22 -16.55 2.59 17.18
CA ASN B 22 -15.79 2.98 15.99
C ASN B 22 -14.62 1.99 15.83
N PHE B 23 -13.61 2.35 15.02
CA PHE B 23 -12.39 1.57 14.84
C PHE B 23 -11.22 2.50 14.96
N LEU B 24 -10.24 2.13 15.77
CA LEU B 24 -9.01 2.90 15.97
C LEU B 24 -7.99 2.28 15.02
N ASN B 25 -7.40 3.12 14.17
CA ASN B 25 -6.44 2.71 13.17
C ASN B 25 -5.08 3.28 13.44
N CYS B 26 -4.05 2.47 13.17
CA CYS B 26 -2.68 2.93 13.17
C CYS B 26 -2.09 2.46 11.87
N TYR B 27 -1.82 3.43 11.00
CA TYR B 27 -1.27 3.21 9.67
C TYR B 27 0.22 3.52 9.67
N VAL B 28 1.02 2.48 9.44
CA VAL B 28 2.48 2.62 9.36
C VAL B 28 2.86 2.42 7.90
N SER B 29 3.68 3.33 7.36
CA SER B 29 4.05 3.30 5.95
C SER B 29 5.42 3.91 5.69
N GLY B 30 5.93 3.74 4.47
CA GLY B 30 7.21 4.31 4.04
C GLY B 30 8.43 3.73 4.72
N PHE B 31 8.30 2.53 5.33
CA PHE B 31 9.41 1.93 6.06
C PHE B 31 10.10 0.81 5.30
N HIS B 32 11.37 0.56 5.65
CA HIS B 32 12.20 -0.48 5.06
C HIS B 32 13.36 -0.72 6.02
N PRO B 33 13.66 -1.97 6.43
CA PRO B 33 13.04 -3.25 6.06
C PRO B 33 11.64 -3.46 6.67
N SER B 34 11.02 -4.60 6.36
CA SER B 34 9.62 -4.89 6.70
C SER B 34 9.30 -5.20 8.16
N ASP B 35 10.26 -5.72 8.97
CA ASP B 35 9.97 -6.04 10.37
C ASP B 35 9.58 -4.78 11.15
N ILE B 36 8.45 -4.84 11.84
CA ILE B 36 7.93 -3.70 12.59
C ILE B 36 7.06 -4.20 13.74
N GLU B 37 7.09 -3.49 14.85
CA GLU B 37 6.27 -3.83 15.99
C GLU B 37 5.28 -2.71 16.17
N VAL B 38 4.02 -3.05 16.22
CA VAL B 38 2.97 -2.04 16.36
C VAL B 38 1.96 -2.47 17.42
N ASP B 39 1.71 -1.58 18.39
CA ASP B 39 0.70 -1.79 19.41
C ASP B 39 -0.21 -0.58 19.50
N LEU B 40 -1.48 -0.82 19.78
CA LEU B 40 -2.47 0.22 19.99
C LEU B 40 -2.61 0.27 21.50
N LEU B 41 -2.57 1.48 22.06
CA LEU B 41 -2.62 1.68 23.51
C LEU B 41 -3.88 2.41 23.95
N LYS B 42 -4.40 2.02 25.13
CA LYS B 42 -5.54 2.65 25.79
C LYS B 42 -5.03 3.03 27.17
N ASN B 43 -4.86 4.35 27.41
CA ASN B 43 -4.32 4.92 28.65
C ASN B 43 -2.96 4.27 28.99
N GLY B 44 -2.08 4.21 27.98
CA GLY B 44 -0.74 3.63 28.08
C GLY B 44 -0.64 2.11 28.09
N GLU B 45 -1.78 1.39 28.14
CA GLU B 45 -1.82 -0.08 28.16
C GLU B 45 -2.13 -0.69 26.80
N ARG B 46 -1.35 -1.74 26.41
CA ARG B 46 -1.49 -2.46 25.14
C ARG B 46 -2.85 -3.14 25.00
N ILE B 47 -3.57 -2.84 23.91
CA ILE B 47 -4.87 -3.44 23.58
C ILE B 47 -4.59 -4.84 23.00
N GLU B 48 -5.28 -5.87 23.54
CA GLU B 48 -5.08 -7.26 23.17
C GLU B 48 -5.50 -7.67 21.78
N LYS B 49 -6.78 -7.52 21.42
CA LYS B 49 -7.25 -8.00 20.12
C LYS B 49 -7.13 -6.93 19.04
N VAL B 50 -5.92 -6.86 18.46
CA VAL B 50 -5.58 -5.94 17.38
C VAL B 50 -5.29 -6.78 16.13
N GLU B 51 -5.95 -6.42 15.02
CA GLU B 51 -5.80 -7.10 13.76
C GLU B 51 -4.94 -6.23 12.85
N HIS B 52 -4.38 -6.82 11.79
CA HIS B 52 -3.57 -6.05 10.85
C HIS B 52 -3.73 -6.54 9.43
N SER B 53 -3.44 -5.66 8.47
CA SER B 53 -3.48 -5.98 7.05
C SER B 53 -2.27 -6.88 6.68
N ASP B 54 -2.33 -7.49 5.49
CA ASP B 54 -1.24 -8.33 4.96
C ASP B 54 -0.17 -7.42 4.42
N LEU B 55 1.10 -7.82 4.61
CA LEU B 55 2.26 -7.07 4.14
C LEU B 55 2.22 -6.77 2.65
N SER B 56 2.29 -5.48 2.32
CA SER B 56 2.36 -5.01 0.96
C SER B 56 3.28 -3.80 0.91
N PHE B 57 3.54 -3.30 -0.30
CA PHE B 57 4.44 -2.18 -0.46
C PHE B 57 4.01 -1.25 -1.57
N SER B 58 4.54 -0.02 -1.52
CA SER B 58 4.29 1.07 -2.45
C SER B 58 5.22 1.02 -3.68
N LYS B 59 4.97 1.92 -4.64
CA LYS B 59 5.78 1.99 -5.87
C LYS B 59 7.26 2.28 -5.60
N ASP B 60 7.59 2.95 -4.47
CA ASP B 60 8.97 3.23 -4.08
C ASP B 60 9.59 2.08 -3.25
N TRP B 61 8.93 0.89 -3.20
CA TRP B 61 9.34 -0.33 -2.47
C TRP B 61 9.11 -0.28 -0.96
N SER B 62 8.66 0.87 -0.42
CA SER B 62 8.47 0.95 1.03
C SER B 62 7.21 0.21 1.46
N PHE B 63 7.30 -0.46 2.61
CA PHE B 63 6.21 -1.26 3.15
C PHE B 63 5.15 -0.42 3.84
N TYR B 64 3.93 -0.98 3.93
CA TYR B 64 2.84 -0.35 4.67
C TYR B 64 1.92 -1.41 5.30
N LEU B 65 1.38 -1.11 6.47
CA LEU B 65 0.49 -2.00 7.21
C LEU B 65 -0.53 -1.16 7.97
N LEU B 66 -1.74 -1.69 8.09
CA LEU B 66 -2.80 -1.07 8.87
C LEU B 66 -3.08 -1.97 10.07
N TYR B 67 -2.97 -1.43 11.28
CA TYR B 67 -3.31 -2.09 12.54
C TYR B 67 -4.60 -1.46 13.01
N TYR B 68 -5.55 -2.27 13.46
CA TYR B 68 -6.86 -1.76 13.83
C TYR B 68 -7.57 -2.59 14.88
N THR B 69 -8.43 -1.92 15.64
CA THR B 69 -9.27 -2.53 16.66
C THR B 69 -10.55 -1.72 16.84
N GLU B 70 -11.61 -2.39 17.27
CA GLU B 70 -12.87 -1.75 17.63
C GLU B 70 -12.60 -0.99 18.93
N PHE B 71 -13.14 0.24 19.05
CA PHE B 71 -13.01 1.08 20.26
C PHE B 71 -14.21 2.01 20.35
N THR B 72 -14.49 2.48 21.56
CA THR B 72 -15.57 3.43 21.80
C THR B 72 -14.88 4.66 22.38
N PRO B 73 -14.66 5.73 21.58
CA PRO B 73 -13.99 6.91 22.14
C PRO B 73 -14.84 7.59 23.21
N THR B 74 -14.17 8.22 24.17
CA THR B 74 -14.78 8.97 25.27
C THR B 74 -14.02 10.28 25.40
N GLU B 75 -14.49 11.17 26.28
CA GLU B 75 -13.85 12.46 26.54
C GLU B 75 -12.48 12.28 27.24
N LYS B 76 -12.42 11.36 28.23
CA LYS B 76 -11.24 11.17 29.07
C LYS B 76 -10.24 10.09 28.60
N ASP B 77 -10.70 8.99 27.97
CA ASP B 77 -9.78 7.92 27.51
C ASP B 77 -8.79 8.40 26.47
N GLU B 78 -7.51 8.07 26.66
CA GLU B 78 -6.43 8.45 25.76
C GLU B 78 -6.01 7.24 24.93
N TYR B 79 -5.95 7.41 23.61
CA TYR B 79 -5.54 6.34 22.70
C TYR B 79 -4.27 6.73 21.98
N ALA B 80 -3.42 5.74 21.69
CA ALA B 80 -2.16 5.99 21.02
C ALA B 80 -1.69 4.75 20.26
N CYS B 81 -0.65 4.94 19.45
CA CYS B 81 -0.02 3.87 18.72
C CYS B 81 1.46 3.86 19.07
N ARG B 82 1.99 2.70 19.44
CA ARG B 82 3.39 2.54 19.77
C ARG B 82 4.08 1.71 18.70
N VAL B 83 5.10 2.27 18.08
CA VAL B 83 5.82 1.66 16.96
C VAL B 83 7.31 1.52 17.23
N ASN B 84 7.86 0.33 16.93
CA ASN B 84 9.29 0.12 16.97
C ASN B 84 9.74 -0.48 15.64
N HIS B 85 10.88 0.01 15.14
CA HIS B 85 11.48 -0.40 13.87
C HIS B 85 13.00 -0.32 14.07
N VAL B 86 13.78 -1.03 13.24
CA VAL B 86 15.26 -1.05 13.33
C VAL B 86 15.84 0.40 13.30
N THR B 87 15.21 1.31 12.54
CA THR B 87 15.59 2.71 12.39
C THR B 87 15.36 3.57 13.66
N LEU B 88 14.57 3.08 14.63
CA LEU B 88 14.26 3.85 15.85
C LEU B 88 15.09 3.42 17.05
N SER B 89 15.65 4.36 17.83
CA SER B 89 16.46 4.06 19.03
C SER B 89 15.57 3.48 20.14
N GLN B 90 14.34 3.97 20.24
CA GLN B 90 13.34 3.55 21.22
C GLN B 90 11.94 3.61 20.58
N PRO B 91 10.91 2.89 21.11
CA PRO B 91 9.58 2.96 20.48
C PRO B 91 9.02 4.38 20.39
N LYS B 92 8.38 4.69 19.28
CA LYS B 92 7.76 5.98 19.06
C LYS B 92 6.28 5.87 19.33
N ILE B 93 5.79 6.76 20.17
CA ILE B 93 4.39 6.76 20.56
C ILE B 93 3.74 8.00 19.93
N VAL B 94 2.69 7.78 19.14
CA VAL B 94 1.93 8.85 18.48
C VAL B 94 0.54 8.77 19.06
N LYS B 95 0.08 9.87 19.67
CA LYS B 95 -1.22 9.94 20.31
C LYS B 95 -2.34 10.15 19.30
N TRP B 96 -3.53 9.61 19.60
CA TRP B 96 -4.69 9.83 18.76
C TRP B 96 -5.26 11.21 19.04
N ASP B 97 -5.40 12.01 17.97
CA ASP B 97 -6.00 13.34 17.99
C ASP B 97 -7.12 13.28 16.95
N ARG B 98 -8.37 13.46 17.40
CA ARG B 98 -9.54 13.37 16.52
C ARG B 98 -9.64 14.50 15.46
N ASP B 99 -8.77 15.54 15.56
CA ASP B 99 -8.68 16.64 14.58
C ASP B 99 -7.58 16.34 13.55
N MET B 100 -7.01 15.11 13.60
CA MET B 100 -5.91 14.69 12.73
C MET B 100 -6.19 13.38 11.99
N LEU C 1 -4.99 -13.73 -11.65
CA LEU C 1 -4.22 -14.96 -11.62
C LEU C 1 -2.72 -14.63 -11.76
N PRO C 2 -1.83 -15.19 -10.90
CA PRO C 2 -0.41 -14.86 -11.00
C PRO C 2 0.31 -15.52 -12.17
N PHE C 3 1.52 -15.01 -12.48
CA PHE C 3 2.40 -15.57 -13.51
C PHE C 3 2.84 -16.96 -13.03
N ASP C 4 2.79 -17.96 -13.92
CA ASP C 4 3.05 -19.36 -13.56
C ASP C 4 4.49 -19.83 -13.69
N LYS C 5 5.41 -18.99 -14.20
CA LYS C 5 6.79 -19.44 -14.34
C LYS C 5 7.67 -18.84 -13.29
N SER C 6 8.32 -19.69 -12.52
CA SER C 6 9.23 -19.28 -11.47
C SER C 6 10.64 -19.45 -12.02
N THR C 7 11.42 -18.35 -12.07
CA THR C 7 12.79 -18.41 -12.56
C THR C 7 13.76 -17.82 -11.56
N VAL C 8 14.69 -18.66 -11.07
CA VAL C 8 15.73 -18.27 -10.11
C VAL C 8 16.56 -17.10 -10.67
N MET C 9 16.87 -16.14 -9.81
CA MET C 9 17.68 -14.96 -10.14
C MET C 9 19.19 -15.27 -10.06
#